data_9EBP
#
_entry.id   9EBP
#
_cell.length_a   111.572
_cell.length_b   65.817
_cell.length_c   81.246
_cell.angle_alpha   90.00
_cell.angle_beta   90.00
_cell.angle_gamma   90.00
#
_symmetry.space_group_name_H-M   'P 21 21 2'
#
loop_
_entity.id
_entity.type
_entity.pdbx_description
1 polymer 'RNA (81-MER)'
2 non-polymer LUMICHROME
3 non-polymer 'IRIDIUM HEXAMMINE ION'
4 water water
#
_entity_poly.entity_id   1
_entity_poly.type   'polyribonucleotide'
_entity_poly.pdbx_seq_one_letter_code
;(GDP)GAUGAAAAAACACGAUUCGGUUGGUAGUCCGGAUGCCGAAAGGUCAGUAACCUUCCACGAAAGUGGAUGUCCAUC
AUCCA
;
_entity_poly.pdbx_strand_id   A,M
#
loop_
_chem_comp.id
_chem_comp.type
_chem_comp.name
_chem_comp.formula
A RNA linking ADENOSINE-5'-MONOPHOSPHATE 'C10 H14 N5 O7 P'
C RNA linking CYTIDINE-5'-MONOPHOSPHATE 'C9 H14 N3 O8 P'
G RNA linking GUANOSINE-5'-MONOPHOSPHATE 'C10 H14 N5 O8 P'
GDP RNA linking GUANOSINE-5'-DIPHOSPHATE 'C10 H15 N5 O11 P2'
IRI non-polymer 'IRIDIUM HEXAMMINE ION' 'H18 Ir N6 3'
LUM non-polymer LUMICHROME 'C12 H10 N4 O2'
U RNA linking URIDINE-5'-MONOPHOSPHATE 'C9 H13 N2 O9 P'
#
# COMPACT_ATOMS: atom_id res chain seq x y z
PB GDP A 1 7.09 3.76 -5.08
O1B GDP A 1 6.26 2.96 -4.10
O2B GDP A 1 6.35 3.89 -6.41
O3B GDP A 1 8.43 3.08 -5.31
O3A GDP A 1 7.35 5.27 -4.45
PA GDP A 1 8.10 6.46 -5.32
O1A GDP A 1 8.74 5.86 -6.58
O2A GDP A 1 9.16 7.08 -4.48
O5' GDP A 1 6.93 7.63 -5.77
C5' GDP A 1 5.62 7.31 -5.53
C4' GDP A 1 5.75 8.16 -6.64
O4' GDP A 1 6.34 7.46 -7.80
C3' GDP A 1 4.34 8.56 -7.24
O3' GDP A 1 3.57 9.56 -6.35
C2' GDP A 1 4.65 9.06 -8.30
O2' GDP A 1 5.14 10.45 -8.09
C1' GDP A 1 5.87 8.08 -8.84
N9 GDP A 1 5.23 7.24 -9.79
C8 GDP A 1 5.74 6.09 -9.34
N7 GDP A 1 5.25 5.10 -10.11
C5 GDP A 1 4.45 5.64 -11.02
C6 GDP A 1 3.60 5.08 -12.18
O6 GDP A 1 3.55 3.97 -12.42
N1 GDP A 1 2.85 5.99 -12.96
C2 GDP A 1 2.85 7.40 -12.71
N2 GDP A 1 2.05 8.32 -13.56
N3 GDP A 1 3.65 7.91 -11.63
C4 GDP A 1 4.45 6.98 -10.80
PB GDP B 1 1.91 1.40 -2.09
O1B GDP B 1 3.27 1.76 -2.68
O2B GDP B 1 2.09 1.05 -0.63
O3B GDP B 1 1.33 0.22 -2.84
O3A GDP B 1 0.89 2.70 -2.23
PA GDP B 1 0.49 3.65 -0.93
O1A GDP B 1 -0.83 3.17 -0.35
O2A GDP B 1 0.38 5.05 -1.37
O5' GDP B 1 1.72 3.50 0.25
C5' GDP B 1 2.02 4.71 0.82
C4' GDP B 1 2.03 4.75 2.22
O4' GDP B 1 1.47 3.51 2.81
C3' GDP B 1 3.52 4.66 2.78
O3' GDP B 1 4.34 5.93 2.54
C2' GDP B 1 3.28 4.54 3.97
O2' GDP B 1 2.78 5.82 4.49
C1' GDP B 1 2.09 3.41 3.96
N9 GDP B 1 2.76 2.17 4.18
C8 GDP B 1 2.37 1.62 3.02
N7 GDP B 1 2.89 0.39 2.96
C5 GDP B 1 3.59 0.20 4.06
C6 GDP B 1 4.42 -1.00 4.58
O6 GDP B 1 4.49 -1.93 3.96
N1 GDP B 1 5.07 -0.92 5.83
C2 GDP B 1 4.97 0.26 6.62
N2 GDP B 1 5.65 0.36 7.94
N3 GDP B 1 4.19 1.39 6.13
C4 GDP B 1 3.50 1.30 4.82
N1 LUM C . -8.58 -6.16 19.39
C2 LUM C . -8.12 -7.31 19.94
C10 LUM C . -9.32 -6.21 18.27
O2 LUM C . -7.47 -7.26 20.92
N3 LUM C . -8.41 -8.51 19.36
C4 LUM C . -9.14 -8.56 18.26
O4 LUM C . -9.39 -9.61 17.77
C4A LUM C . -9.62 -7.40 17.69
N5 LUM C . -10.36 -7.45 16.57
C5A LUM C . -10.83 -6.31 16.02
C6 LUM C . -11.61 -6.36 14.85
C9A LUM C . -10.53 -5.11 16.59
C7 LUM C . -12.08 -5.20 14.28
C7M LUM C . -12.90 -5.43 13.02
C8 LUM C . -11.78 -3.97 14.86
C8M LUM C . -12.23 -2.59 14.37
C9 LUM C . -11.02 -3.92 16.02
N10 LUM C . -9.79 -5.06 17.71
IR IRI D . -40.81 -20.87 25.68
N1 IRI D . -41.65 -22.56 26.99
N2 IRI D . -38.77 -21.83 25.76
N3 IRI D . -40.11 -19.18 24.41
N4 IRI D . -42.88 -19.93 25.66
N5 IRI D . -41.37 -22.09 23.83
N6 IRI D . -40.34 -19.62 27.49
HN11 IRI D . -41.19 -22.86 27.68
HN12 IRI D . -42.43 -22.45 27.40
HN13 IRI D . -41.83 -23.35 26.61
HN21 IRI D . -38.68 -22.70 25.59
HN22 IRI D . -38.12 -21.54 25.23
HN23 IRI D . -38.30 -21.82 26.52
HN31 IRI D . -40.81 -19.23 23.93
HN32 IRI D . -39.40 -19.62 24.19
HN33 IRI D . -40.08 -18.66 25.09
HN41 IRI D . -43.51 -20.23 26.22
HN42 IRI D . -42.98 -19.06 25.84
HN43 IRI D . -43.38 -19.95 24.92
HN51 IRI D . -42.17 -22.47 23.78
HN52 IRI D . -41.37 -21.71 23.03
HN53 IRI D . -40.89 -22.81 23.60
HN61 IRI D . -39.99 -20.00 28.21
HN62 IRI D . -39.77 -18.94 27.42
HN63 IRI D . -41.01 -19.18 27.90
IR IRI E . -22.93 -9.20 21.34
N1 IRI E . -24.43 -10.64 22.31
N2 IRI E . -21.21 -10.46 22.09
N3 IRI E . -21.52 -7.81 20.31
N4 IRI E . -24.64 -7.90 20.60
N5 IRI E . -23.03 -10.46 19.43
N6 IRI E . -22.85 -7.95 23.21
HN11 IRI E . -24.21 -11.08 23.04
HN12 IRI E . -25.21 -10.33 22.57
HN13 IRI E . -24.72 -11.34 21.84
HN21 IRI E . -21.15 -11.31 21.84
HN22 IRI E . -20.37 -10.22 21.91
HN23 IRI E . -21.10 -10.59 22.96
HN31 IRI E . -22.12 -7.61 19.73
HN32 IRI E . -20.97 -8.46 20.16
HN33 IRI E . -21.43 -7.34 21.03
HN41 IRI E . -25.34 -7.75 21.12
HN42 IRI E . -24.50 -7.05 20.36
HN43 IRI E . -25.10 -8.13 19.87
HN51 IRI E . -23.80 -10.57 19.01
HN52 IRI E . -22.56 -10.21 18.71
HN53 IRI E . -22.77 -11.31 19.44
HN61 IRI E . -23.07 -8.32 23.99
HN62 IRI E . -22.08 -7.59 23.45
HN63 IRI E . -23.36 -7.22 23.27
IR IRI F . 2.57 3.03 -6.28
N1 IRI F . 1.23 1.28 -5.66
N2 IRI F . 4.37 1.68 -6.09
N3 IRI F . 3.89 4.71 -6.92
N4 IRI F . 0.72 4.34 -6.45
N5 IRI F . 2.35 2.40 -8.46
N6 IRI F . 2.78 3.69 -4.12
HN11 IRI F . 1.54 0.66 -5.09
HN12 IRI F . 0.46 1.44 -5.25
HN13 IRI F . 0.93 0.72 -6.28
HN21 IRI F . 4.30 0.80 -6.22
HN22 IRI F . 5.09 1.81 -6.61
HN23 IRI F . 4.82 1.63 -5.32
HN31 IRI F . 3.88 4.43 -7.74
HN32 IRI F . 4.51 4.45 -6.38
HN33 IRI F . 3.31 5.28 -6.66
HN41 IRI F . 0.23 4.51 -5.73
HN42 IRI F . 0.79 5.18 -6.74
HN43 IRI F . 0.04 4.10 -6.98
HN51 IRI F . 1.59 2.55 -8.89
HN52 IRI F . 2.90 2.73 -9.08
HN53 IRI F . 2.43 1.54 -8.68
HN61 IRI F . 3.12 3.12 -3.53
HN62 IRI F . 3.29 4.40 -3.93
HN63 IRI F . 2.06 3.94 -3.67
IR IRI G . -32.47 -12.93 24.19
N1 IRI G . -33.88 -14.44 25.22
N2 IRI G . -30.84 -14.49 24.32
N3 IRI G . -30.94 -11.52 23.38
N4 IRI G . -34.28 -11.44 23.87
N5 IRI G . -32.91 -13.89 22.15
N6 IRI G . -31.88 -12.14 26.29
HN11 IRI G . -33.76 -14.64 26.08
HN12 IRI G . -34.75 -14.27 25.26
HN13 IRI G . -33.94 -15.27 24.90
HN21 IRI G . -30.98 -15.30 24.00
HN22 IRI G . -30.06 -14.33 23.93
HN23 IRI G . -30.53 -14.73 25.12
HN31 IRI G . -31.40 -10.85 23.64
HN32 IRI G . -30.34 -11.85 23.89
HN33 IRI G . -31.06 -11.83 22.59
HN41 IRI G . -34.80 -11.23 24.55
HN42 IRI G . -34.13 -10.61 23.59
HN43 IRI G . -34.93 -11.64 23.29
HN51 IRI G . -33.59 -13.61 21.65
HN52 IRI G . -32.31 -13.88 21.51
HN53 IRI G . -33.10 -14.76 22.10
HN61 IRI G . -31.60 -12.71 26.91
HN62 IRI G . -31.22 -11.55 26.36
HN63 IRI G . -32.50 -11.71 26.78
IR IRI H . -16.80 -27.07 19.53
N1 IRI H . -18.33 -28.54 20.36
N2 IRI H . -14.94 -28.33 19.91
N3 IRI H . -15.43 -25.50 18.64
N4 IRI H . -18.61 -25.70 19.19
N5 IRI H . -17.12 -27.90 17.42
N6 IRI H . -16.48 -26.13 21.60
HN11 IRI H . -18.24 -28.86 21.18
HN12 IRI H . -19.19 -28.30 20.42
HN13 IRI H . -18.46 -29.32 19.95
HN21 IRI H . -14.91 -29.15 19.58
HN22 IRI H . -14.16 -28.05 19.62
HN23 IRI H . -14.71 -28.52 20.75
HN31 IRI H . -15.95 -24.87 18.90
HN32 IRI H . -14.78 -25.75 19.16
HN33 IRI H . -15.52 -25.84 17.86
HN41 IRI H . -19.15 -25.48 19.86
HN42 IRI H . -18.49 -24.87 18.88
HN43 IRI H . -19.24 -25.94 18.61
HN51 IRI H . -17.94 -27.97 17.09
HN52 IRI H . -16.77 -27.49 16.72
HN53 IRI H . -16.85 -28.71 17.22
HN61 IRI H . -16.22 -26.65 22.28
HN62 IRI H . -15.86 -25.49 21.70
HN63 IRI H . -17.15 -25.72 22.01
IR IRI I . 8.82 10.87 36.55
N1 IRI I . 8.03 9.01 37.97
N2 IRI I . 10.86 9.73 36.71
N3 IRI I . 10.55 12.20 35.60
N4 IRI I . 6.75 11.98 37.00
N5 IRI I . 8.31 10.13 34.18
N6 IRI I . 9.83 12.16 38.28
HN11 IRI I . 8.34 8.93 38.80
HN12 IRI I . 7.16 8.93 38.15
HN13 IRI I . 8.17 8.17 37.70
HN21 IRI I . 10.87 8.85 36.67
HN22 IRI I . 11.50 9.89 36.11
HN23 IRI I . 11.36 9.82 37.44
HN31 IRI I . 10.38 12.84 36.15
HN32 IRI I . 10.17 12.17 34.83
HN33 IRI I . 11.14 11.60 35.80
HN41 IRI I . 6.30 11.82 37.74
HN42 IRI I . 6.72 12.87 37.05
HN43 IRI I . 6.06 11.89 36.44
HN51 IRI I . 7.47 10.14 33.88
HN52 IRI I . 8.66 10.56 33.49
HN53 IRI I . 8.52 9.32 33.91
HN61 IRI I . 10.54 11.82 38.71
HN62 IRI I . 10.17 12.96 38.08
HN63 IRI I . 9.35 12.39 38.99
N1 LUM J . 16.59 9.04 -27.61
C2 LUM J . 16.27 8.26 -28.67
C10 LUM J . 17.45 8.59 -26.68
O2 LUM J . 15.51 8.66 -29.49
N3 LUM J . 16.79 7.01 -28.79
C4 LUM J . 17.64 6.55 -27.87
O4 LUM J . 18.09 5.47 -27.97
C4A LUM J . 17.97 7.34 -26.79
N5 LUM J . 18.84 6.88 -25.85
C5A LUM J . 19.17 7.65 -24.81
C6 LUM J . 20.06 7.18 -23.83
C9A LUM J . 18.63 8.91 -24.69
C7 LUM J . 20.40 7.97 -22.74
C7M LUM J . 21.37 7.31 -21.78
C8 LUM J . 19.86 9.25 -22.63
C8M LUM J . 20.12 10.25 -21.50
C9 LUM J . 18.98 9.72 -23.59
N10 LUM J . 17.78 9.36 -25.62
IR IRI K . 25.95 7.41 -18.04
N1 IRI K . 25.14 5.53 -17.01
N2 IRI K . 28.02 6.51 -18.00
N3 IRI K . 26.70 9.27 -19.03
N4 IRI K . 23.85 8.30 -18.03
N5 IRI K . 25.48 6.42 -20.05
N6 IRI K . 26.32 8.41 -16.06
HN11 IRI K . 25.24 5.44 -16.13
HN12 IRI K . 24.27 5.35 -17.05
HN13 IRI K . 25.44 4.73 -17.24
HN21 IRI K . 28.14 5.68 -18.29
HN22 IRI K . 28.68 6.90 -18.46
HN23 IRI K . 28.45 6.44 -17.22
HN31 IRI K . 27.42 9.24 -18.55
HN32 IRI K . 26.68 8.89 -19.79
HN33 IRI K . 26.02 9.71 -18.74
HN41 IRI K . 23.36 8.30 -17.29
HN42 IRI K . 23.71 9.15 -18.25
HN43 IRI K . 23.22 7.97 -18.57
HN51 IRI K . 24.67 6.08 -20.20
HN52 IRI K . 25.55 6.89 -20.80
HN53 IRI K . 25.94 5.72 -20.32
HN61 IRI K . 26.47 7.91 -15.34
HN62 IRI K . 27.00 8.97 -15.96
HN63 IRI K . 25.69 8.93 -15.71
IR IRI L . 50.20 8.06 -42.30
N1 IRI L . 48.83 6.49 -41.33
N2 IRI L . 51.92 6.58 -42.28
N3 IRI L . 51.41 9.64 -43.31
N4 IRI L . 48.48 9.54 -42.28
N5 IRI L . 49.50 7.27 -44.33
N6 IRI L . 50.83 8.86 -40.29
HN11 IRI L . 49.15 5.97 -40.67
HN12 IRI L . 48.08 6.74 -40.93
HN13 IRI L . 48.48 5.84 -41.83
HN21 IRI L . 51.74 5.71 -42.31
HN22 IRI L . 52.53 6.61 -42.92
HN23 IRI L . 52.48 6.55 -41.59
HN31 IRI L . 51.87 9.75 -42.60
HN32 IRI L . 51.68 9.07 -43.90
HN33 IRI L . 50.71 10.10 -43.45
HN41 IRI L . 47.87 9.51 -41.64
HN42 IRI L . 48.63 10.41 -42.23
HN43 IRI L . 47.91 9.57 -42.96
HN51 IRI L . 48.67 6.99 -44.44
HN52 IRI L . 49.52 7.80 -45.04
HN53 IRI L . 49.90 6.57 -44.70
HN61 IRI L . 51.39 8.39 -39.79
HN62 IRI L . 51.24 9.65 -40.24
HN63 IRI L . 50.20 9.01 -39.66
IR IRI M . 4.70 -2.45 -0.99
N1 IRI M . 3.55 -4.36 -0.40
N2 IRI M . 6.63 -3.63 -0.70
N3 IRI M . 5.86 -0.63 -1.53
N4 IRI M . 2.75 -1.34 -1.24
N5 IRI M . 4.59 -3.13 -3.16
N6 IRI M . 4.78 -1.82 1.18
HN11 IRI M . 3.86 -4.87 0.26
HN12 IRI M . 2.71 -4.29 -0.12
HN13 IRI M . 3.43 -5.00 -1.01
HN21 IRI M . 6.79 -4.35 -1.19
HN22 IRI M . 7.41 -3.21 -0.85
HN23 IRI M . 6.83 -3.97 0.10
HN31 IRI M . 6.01 -0.46 -0.70
HN32 IRI M . 6.42 -1.10 -1.98
HN33 IRI M . 5.17 -0.29 -1.92
HN41 IRI M . 1.97 -1.76 -1.09
HN42 IRI M . 2.57 -0.62 -0.74
HN43 IRI M . 2.53 -0.99 -2.02
HN51 IRI M . 3.81 -3.36 -3.52
HN52 IRI M . 4.85 -2.58 -3.82
HN53 IRI M . 5.05 -3.84 -3.45
HN61 IRI M . 4.79 -2.45 1.82
HN62 IRI M . 5.47 -1.33 1.47
HN63 IRI M . 4.13 -1.31 1.51
IR IRI N . 5.72 32.21 -46.83
N1 IRI N . 4.52 30.43 -45.56
N2 IRI N . 7.84 31.12 -47.25
N3 IRI N . 6.55 33.85 -48.26
N4 IRI N . 3.85 33.77 -47.21
N5 IRI N . 5.31 31.48 -49.10
N6 IRI N . 6.73 33.22 -44.89
HN11 IRI N . 4.84 30.17 -44.77
HN12 IRI N . 3.67 30.57 -45.31
HN13 IRI N . 4.41 29.63 -45.92
HN21 IRI N . 7.85 30.25 -47.47
HN22 IRI N . 8.36 31.41 -47.92
HN23 IRI N . 8.45 31.09 -46.61
HN31 IRI N . 6.36 34.46 -47.69
HN32 IRI N . 5.98 33.64 -48.86
HN33 IRI N . 7.33 33.48 -48.25
HN41 IRI N . 3.13 33.73 -46.70
HN42 IRI N . 3.99 34.64 -47.14
HN43 IRI N . 3.43 33.78 -47.98
HN51 IRI N . 4.57 31.71 -49.52
HN52 IRI N . 5.88 31.69 -49.74
HN53 IRI N . 5.27 30.61 -49.28
HN61 IRI N . 7.46 32.85 -44.54
HN62 IRI N . 7.01 34.06 -44.93
HN63 IRI N . 6.25 33.29 -44.13
#